data_4C1H
#
_entry.id   4C1H
#
_cell.length_a   53.009
_cell.length_b   61.336
_cell.length_c   69.580
_cell.angle_alpha   90.00
_cell.angle_beta   93.03
_cell.angle_gamma   90.00
#
_symmetry.space_group_name_H-M   'C 1 2 1'
#
loop_
_entity.id
_entity.type
_entity.pdbx_description
1 polymer 'BETA-LACTAMASE 2'
2 non-polymer GLYCEROL
3 non-polymer 'SULFATE ION'
4 non-polymer L-CAPTOPRIL
5 non-polymer 'ZINC ION'
6 water water
#
_entity_poly.entity_id   1
_entity_poly.type   'polypeptide(L)'
_entity_poly.pdbx_seq_one_letter_code
;SQKVEKTVIKNETGTISISQLNKNVWVHTELGSFNGEAVPSNGLVLNTSKGLVLVDSSWDDKLTKELIEMVEKKFQKRVT
DVIITHAHADRIGGIKTLKERGIKAHSTALTAELAKKNGYEEPLGDLQTVTNLKFGNMKVETFYPGKGHTEDNIVVWLPQ
YNILVGGCLVKSTSAKDLGNVADAYVNEWSTSIENVLKRYRNINAVVPGHGEVGDKGLLLHTLDLLK
;
_entity_poly.pdbx_strand_id   A
#
loop_
_chem_comp.id
_chem_comp.type
_chem_comp.name
_chem_comp.formula
GOL non-polymer GLYCEROL 'C3 H8 O3'
SO4 non-polymer 'SULFATE ION' 'O4 S -2'
X8Z non-polymer L-CAPTOPRIL 'C9 H15 N O3 S'
ZN non-polymer 'ZINC ION' 'Zn 2'
#
# COMPACT_ATOMS: atom_id res chain seq x y z
C LYS A 6 1.92 -16.77 10.99
N THR A 7 2.82 -17.15 10.10
CA THR A 7 4.24 -16.90 10.30
C THR A 7 4.53 -15.40 10.31
N VAL A 8 5.14 -14.94 11.41
CA VAL A 8 5.56 -13.55 11.56
C VAL A 8 7.05 -13.53 11.84
N ILE A 9 7.77 -12.66 11.13
CA ILE A 9 9.22 -12.53 11.25
C ILE A 9 9.58 -11.07 11.42
N LYS A 10 10.47 -10.77 12.36
CA LYS A 10 10.81 -9.39 12.70
C LYS A 10 12.31 -9.11 12.64
N ASN A 11 12.66 -7.83 12.52
CA ASN A 11 14.03 -7.38 12.74
C ASN A 11 14.27 -7.26 14.26
N GLU A 12 15.42 -6.74 14.68
CA GLU A 12 15.79 -6.73 16.10
C GLU A 12 14.87 -5.89 16.99
N THR A 13 14.66 -4.63 16.61
CA THR A 13 13.87 -3.70 17.43
C THR A 13 12.37 -3.91 17.26
N GLY A 14 11.98 -4.71 16.27
CA GLY A 14 10.58 -4.91 15.96
C GLY A 14 10.01 -3.81 15.11
N THR A 15 10.88 -2.88 14.68
CA THR A 15 10.42 -1.79 13.84
C THR A 15 10.07 -2.26 12.43
N ILE A 16 10.49 -3.47 12.05
CA ILE A 16 10.04 -4.07 10.78
C ILE A 16 9.60 -5.51 11.01
N SER A 17 8.41 -5.83 10.50
N SER A 17 8.42 -5.84 10.50
CA SER A 17 7.81 -7.15 10.64
CA SER A 17 7.92 -7.20 10.59
C SER A 17 7.19 -7.60 9.32
C SER A 17 7.24 -7.59 9.29
N ILE A 18 7.30 -8.88 8.98
CA ILE A 18 6.60 -9.45 7.84
C ILE A 18 5.71 -10.59 8.31
N SER A 19 4.47 -10.58 7.84
N SER A 19 4.47 -10.60 7.83
CA SER A 19 3.49 -11.58 8.25
CA SER A 19 3.48 -11.57 8.25
C SER A 19 2.91 -12.29 7.04
C SER A 19 2.90 -12.28 7.04
N GLN A 20 2.93 -13.61 7.05
CA GLN A 20 2.53 -14.40 5.90
C GLN A 20 1.02 -14.53 5.75
N LEU A 21 0.47 -14.11 4.60
CA LEU A 21 -0.94 -14.37 4.27
C LEU A 21 -1.09 -15.70 3.55
N ASN A 22 -0.19 -15.98 2.62
CA ASN A 22 -0.18 -17.25 1.91
C ASN A 22 1.23 -17.56 1.39
N LYS A 23 1.36 -18.62 0.59
CA LYS A 23 2.67 -19.10 0.14
C LYS A 23 3.53 -18.03 -0.49
N ASN A 24 2.89 -17.06 -1.16
CA ASN A 24 3.64 -16.05 -1.92
C ASN A 24 3.30 -14.60 -1.58
N VAL A 25 2.52 -14.40 -0.54
CA VAL A 25 2.05 -13.08 -0.17
C VAL A 25 2.23 -12.83 1.32
N TRP A 26 2.97 -11.77 1.63
CA TRP A 26 3.21 -11.35 3.00
C TRP A 26 2.83 -9.87 3.16
N VAL A 27 2.46 -9.48 4.38
CA VAL A 27 2.26 -8.08 4.73
C VAL A 27 3.55 -7.58 5.40
N HIS A 28 4.10 -6.46 4.93
CA HIS A 28 5.20 -5.80 5.63
C HIS A 28 4.68 -4.65 6.49
N THR A 29 5.18 -4.54 7.72
CA THR A 29 4.74 -3.48 8.63
C THR A 29 5.97 -2.83 9.26
N GLU A 30 6.05 -1.49 9.19
CA GLU A 30 7.15 -0.75 9.84
C GLU A 30 6.67 0.34 10.79
N LEU A 31 7.41 0.50 11.88
CA LEU A 31 7.15 1.56 12.86
C LEU A 31 7.97 2.79 12.54
N GLY A 32 7.28 3.91 12.33
CA GLY A 32 7.93 5.20 12.25
C GLY A 32 7.76 5.85 13.59
N SER A 33 8.61 6.82 13.92
CA SER A 33 8.56 7.48 15.23
C SER A 33 8.23 8.95 15.05
N PHE A 34 7.14 9.38 15.67
CA PHE A 34 6.70 10.77 15.58
C PHE A 34 6.26 11.28 16.95
N ASN A 35 6.99 12.29 17.45
CA ASN A 35 6.70 12.86 18.75
C ASN A 35 6.69 11.81 19.85
N GLY A 36 7.62 10.87 19.79
CA GLY A 36 7.75 9.83 20.80
C GLY A 36 6.79 8.67 20.60
N GLU A 37 5.95 8.75 19.58
CA GLU A 37 4.96 7.71 19.30
C GLU A 37 5.36 6.83 18.12
N ALA A 38 5.23 5.52 18.30
CA ALA A 38 5.46 4.57 17.22
C ALA A 38 4.19 4.47 16.37
N VAL A 39 4.34 4.70 15.06
CA VAL A 39 3.20 4.67 14.15
C VAL A 39 3.44 3.59 13.09
N PRO A 40 2.63 2.52 13.12
CA PRO A 40 2.85 1.45 12.13
C PRO A 40 2.27 1.78 10.78
N SER A 41 2.87 1.19 9.74
CA SER A 41 2.45 1.35 8.35
C SER A 41 2.58 -0.02 7.65
N ASN A 42 1.58 -0.41 6.84
CA ASN A 42 1.58 -1.70 6.13
C ASN A 42 1.75 -1.57 4.61
N GLY A 43 2.43 -2.54 4.02
CA GLY A 43 2.39 -2.79 2.59
C GLY A 43 2.41 -4.29 2.34
N LEU A 44 2.74 -4.68 1.12
N LEU A 44 2.62 -4.71 1.09
CA LEU A 44 2.72 -6.06 0.70
CA LEU A 44 2.73 -6.15 0.76
C LEU A 44 4.06 -6.50 0.13
C LEU A 44 4.10 -6.50 0.20
N VAL A 45 4.44 -7.77 0.35
CA VAL A 45 5.58 -8.39 -0.29
C VAL A 45 5.04 -9.56 -1.12
N LEU A 46 5.31 -9.53 -2.43
CA LEU A 46 4.90 -10.58 -3.36
C LEU A 46 6.14 -11.36 -3.78
N ASN A 47 6.14 -12.65 -3.48
CA ASN A 47 7.24 -13.53 -3.80
C ASN A 47 6.92 -14.19 -5.12
N THR A 48 7.55 -13.73 -6.19
CA THR A 48 7.23 -14.19 -7.53
C THR A 48 8.42 -14.94 -8.13
N SER A 49 8.15 -15.67 -9.20
CA SER A 49 9.20 -16.48 -9.80
C SER A 49 10.29 -15.64 -10.46
N LYS A 50 10.05 -14.33 -10.59
CA LYS A 50 10.98 -13.44 -11.26
C LYS A 50 11.51 -12.33 -10.38
N GLY A 51 11.22 -12.42 -9.09
CA GLY A 51 11.72 -11.47 -8.13
C GLY A 51 10.64 -11.10 -7.14
N LEU A 52 11.02 -10.26 -6.19
N LEU A 52 11.03 -10.28 -6.18
CA LEU A 52 10.09 -9.75 -5.21
CA LEU A 52 10.11 -9.73 -5.19
C LEU A 52 9.50 -8.43 -5.69
C LEU A 52 9.50 -8.43 -5.68
N VAL A 53 8.20 -8.29 -5.48
CA VAL A 53 7.47 -7.05 -5.81
C VAL A 53 6.86 -6.55 -4.51
N LEU A 54 7.06 -5.28 -4.18
CA LEU A 54 6.41 -4.71 -3.01
C LEU A 54 5.23 -3.85 -3.41
N VAL A 55 4.19 -3.84 -2.59
CA VAL A 55 3.19 -2.75 -2.61
C VAL A 55 3.61 -1.82 -1.48
N ASP A 56 4.07 -0.65 -1.87
CA ASP A 56 4.54 0.43 -1.01
C ASP A 56 5.94 0.24 -0.38
N SER A 57 6.58 1.37 -0.14
CA SER A 57 7.86 1.37 0.56
C SER A 57 7.58 1.62 2.06
N SER A 58 8.28 2.59 2.66
CA SER A 58 8.11 2.88 4.09
C SER A 58 8.45 4.33 4.37
N TRP A 59 8.37 4.68 5.66
CA TRP A 59 8.44 6.05 6.11
C TRP A 59 9.66 6.81 5.64
N ASP A 60 10.78 6.10 5.46
CA ASP A 60 12.01 6.77 5.10
C ASP A 60 12.92 5.77 4.43
N ASP A 61 14.08 6.26 4.05
CA ASP A 61 15.03 5.44 3.34
C ASP A 61 15.69 4.39 4.23
N LYS A 62 15.97 4.75 5.48
CA LYS A 62 16.59 3.77 6.39
C LYS A 62 15.72 2.51 6.55
N LEU A 63 14.42 2.71 6.78
CA LEU A 63 13.51 1.58 6.91
C LEU A 63 13.31 0.84 5.59
N THR A 64 13.27 1.55 4.47
CA THR A 64 13.09 0.92 3.18
C THR A 64 14.29 0.02 2.86
N LYS A 65 15.51 0.51 3.09
CA LYS A 65 16.70 -0.29 2.88
C LYS A 65 16.65 -1.57 3.70
N GLU A 66 16.28 -1.44 4.98
N GLU A 66 16.31 -1.43 4.98
CA GLU A 66 16.30 -2.61 5.83
CA GLU A 66 16.23 -2.56 5.89
C GLU A 66 15.20 -3.61 5.47
C GLU A 66 15.23 -3.59 5.37
N LEU A 67 14.04 -3.12 5.04
CA LEU A 67 12.97 -3.98 4.55
C LEU A 67 13.45 -4.76 3.32
N ILE A 68 14.01 -4.06 2.35
CA ILE A 68 14.50 -4.71 1.14
C ILE A 68 15.52 -5.79 1.50
N GLU A 69 16.46 -5.45 2.37
CA GLU A 69 17.52 -6.38 2.70
C GLU A 69 16.97 -7.61 3.40
N MET A 70 15.98 -7.42 4.27
N MET A 70 15.98 -7.40 4.27
CA MET A 70 15.37 -8.54 4.97
CA MET A 70 15.37 -8.52 4.97
C MET A 70 14.70 -9.50 4.00
C MET A 70 14.72 -9.49 3.99
N VAL A 71 13.91 -8.98 3.07
CA VAL A 71 13.18 -9.86 2.18
C VAL A 71 14.08 -10.50 1.11
N GLU A 72 15.08 -9.78 0.62
CA GLU A 72 16.00 -10.38 -0.35
C GLU A 72 16.74 -11.53 0.27
N LYS A 73 17.15 -11.39 1.52
CA LYS A 73 17.85 -12.47 2.17
C LYS A 73 16.95 -13.67 2.42
N LYS A 74 15.75 -13.40 2.91
CA LYS A 74 14.84 -14.49 3.23
C LYS A 74 14.41 -15.25 2.01
N PHE A 75 13.97 -14.55 0.98
CA PHE A 75 13.37 -15.20 -0.18
C PHE A 75 14.40 -15.51 -1.27
N GLN A 76 15.62 -15.02 -1.09
CA GLN A 76 16.73 -15.36 -2.00
C GLN A 76 16.46 -14.93 -3.44
N LYS A 77 16.01 -13.70 -3.59
N LYS A 77 15.91 -13.73 -3.57
CA LYS A 77 15.84 -13.11 -4.89
CA LYS A 77 15.62 -13.11 -4.87
C LYS A 77 15.73 -11.61 -4.69
C LYS A 77 15.80 -11.61 -4.67
N ARG A 78 15.84 -10.85 -5.77
CA ARG A 78 15.93 -9.41 -5.65
C ARG A 78 14.54 -8.76 -5.68
N VAL A 79 14.40 -7.63 -4.99
CA VAL A 79 13.25 -6.75 -5.19
C VAL A 79 13.42 -6.03 -6.52
N THR A 80 12.45 -6.21 -7.41
CA THR A 80 12.54 -5.66 -8.76
C THR A 80 11.61 -4.47 -8.98
N ASP A 81 10.50 -4.43 -8.26
CA ASP A 81 9.42 -3.47 -8.54
C ASP A 81 8.72 -3.15 -7.23
N VAL A 82 8.23 -1.91 -7.14
CA VAL A 82 7.38 -1.44 -6.04
C VAL A 82 6.21 -0.68 -6.66
N ILE A 83 5.01 -0.90 -6.14
CA ILE A 83 3.85 -0.09 -6.50
C ILE A 83 3.59 0.91 -5.38
N ILE A 84 3.59 2.20 -5.69
CA ILE A 84 3.39 3.28 -4.73
C ILE A 84 1.94 3.74 -4.81
N THR A 85 1.21 3.64 -3.70
CA THR A 85 -0.24 3.79 -3.76
C THR A 85 -0.77 5.19 -3.43
N HIS A 86 0.07 6.07 -2.87
CA HIS A 86 -0.14 7.53 -2.87
C HIS A 86 1.11 8.22 -2.42
N ALA A 87 1.12 9.56 -2.53
N ALA A 87 1.12 9.57 -2.45
CA ALA A 87 2.31 10.36 -2.26
CA ALA A 87 2.35 10.34 -2.29
C ALA A 87 2.34 10.92 -0.81
C ALA A 87 2.73 10.76 -0.85
N HIS A 88 2.22 10.05 0.19
N HIS A 88 2.07 10.20 0.16
CA HIS A 88 2.49 10.39 1.58
CA HIS A 88 2.47 10.40 1.56
C HIS A 88 3.73 9.63 1.97
C HIS A 88 3.75 9.65 1.95
N ALA A 89 4.41 10.10 3.00
CA ALA A 89 5.72 9.56 3.41
C ALA A 89 5.73 8.07 3.74
N ASP A 90 4.67 7.59 4.39
CA ASP A 90 4.60 6.16 4.69
C ASP A 90 4.66 5.27 3.45
N ARG A 91 4.09 5.76 2.35
N ARG A 91 4.22 5.82 2.32
CA ARG A 91 4.07 5.04 1.09
CA ARG A 91 4.13 5.06 1.08
C ARG A 91 5.37 5.21 0.30
C ARG A 91 5.30 5.25 0.18
N ILE A 92 5.81 6.47 0.19
CA ILE A 92 6.84 6.87 -0.78
C ILE A 92 8.18 7.31 -0.20
N GLY A 93 8.27 7.26 1.13
CA GLY A 93 9.43 7.79 1.82
C GLY A 93 10.74 7.14 1.42
N GLY A 94 10.70 5.94 0.88
CA GLY A 94 11.90 5.25 0.44
C GLY A 94 12.20 5.37 -1.03
N ILE A 95 11.57 6.31 -1.74
CA ILE A 95 11.77 6.39 -3.18
C ILE A 95 13.23 6.61 -3.60
N LYS A 96 14.00 7.38 -2.84
CA LYS A 96 15.40 7.57 -3.20
C LYS A 96 16.13 6.23 -3.25
N THR A 97 15.89 5.40 -2.26
CA THR A 97 16.50 4.08 -2.20
C THR A 97 16.10 3.26 -3.41
N LEU A 98 14.81 3.25 -3.76
CA LEU A 98 14.34 2.47 -4.89
C LEU A 98 15.07 2.90 -6.15
N LYS A 99 15.11 4.20 -6.40
CA LYS A 99 15.68 4.68 -7.64
C LYS A 99 17.17 4.37 -7.74
N GLU A 100 17.90 4.56 -6.66
CA GLU A 100 19.34 4.36 -6.74
C GLU A 100 19.73 2.89 -6.83
N ARG A 101 18.86 1.99 -6.40
CA ARG A 101 19.07 0.55 -6.52
C ARG A 101 18.55 -0.04 -7.82
N GLY A 102 17.91 0.78 -8.65
CA GLY A 102 17.35 0.28 -9.89
C GLY A 102 16.11 -0.55 -9.71
N ILE A 103 15.35 -0.26 -8.66
CA ILE A 103 14.06 -0.88 -8.41
C ILE A 103 12.99 0.00 -9.06
N LYS A 104 12.16 -0.57 -9.92
N LYS A 104 12.15 -0.58 -9.91
CA LYS A 104 11.14 0.20 -10.61
CA LYS A 104 11.15 0.18 -10.65
C LYS A 104 10.09 0.63 -9.61
C LYS A 104 10.00 0.59 -9.73
N ALA A 105 9.73 1.90 -9.65
CA ALA A 105 8.72 2.45 -8.73
C ALA A 105 7.52 2.90 -9.55
N HIS A 106 6.48 2.07 -9.58
CA HIS A 106 5.29 2.33 -10.35
C HIS A 106 4.34 3.23 -9.58
N SER A 107 3.61 4.08 -10.31
CA SER A 107 2.60 4.94 -9.70
C SER A 107 1.71 5.47 -10.80
N THR A 108 0.59 6.07 -10.42
CA THR A 108 -0.16 6.86 -11.37
C THR A 108 0.61 8.15 -11.69
N ALA A 109 0.22 8.81 -12.78
CA ALA A 109 0.78 10.11 -13.11
C ALA A 109 0.49 11.13 -12.01
N LEU A 110 -0.71 11.09 -11.44
CA LEU A 110 -1.07 12.05 -10.41
C LEU A 110 -0.18 11.85 -9.18
N THR A 111 0.03 10.60 -8.75
CA THR A 111 0.90 10.37 -7.62
C THR A 111 2.31 10.89 -7.91
N ALA A 112 2.81 10.70 -9.12
CA ALA A 112 4.12 11.22 -9.47
C ALA A 112 4.15 12.76 -9.42
N GLU A 113 3.07 13.39 -9.92
N GLU A 113 3.12 13.42 -9.90
CA GLU A 113 2.90 14.87 -9.95
CA GLU A 113 3.09 14.87 -9.83
C GLU A 113 2.91 15.45 -8.53
C GLU A 113 3.11 15.34 -8.40
N LEU A 114 2.24 14.76 -7.60
CA LEU A 114 2.18 15.15 -6.21
C LEU A 114 3.51 14.89 -5.51
N ALA A 115 4.15 13.77 -5.80
CA ALA A 115 5.46 13.48 -5.24
C ALA A 115 6.43 14.60 -5.60
N LYS A 116 6.46 15.01 -6.87
CA LYS A 116 7.35 16.07 -7.35
C LYS A 116 7.05 17.37 -6.67
N LYS A 117 5.78 17.71 -6.58
CA LYS A 117 5.37 18.95 -5.95
C LYS A 117 5.89 19.02 -4.52
N ASN A 118 5.93 17.87 -3.85
N ASN A 118 5.90 17.86 -3.85
CA ASN A 118 6.30 17.79 -2.45
CA ASN A 118 6.26 17.78 -2.43
C ASN A 118 7.75 17.39 -2.21
C ASN A 118 7.76 17.54 -2.19
N GLY A 119 8.55 17.49 -3.25
CA GLY A 119 9.99 17.37 -3.12
C GLY A 119 10.57 15.96 -3.09
N TYR A 120 9.77 14.95 -3.37
CA TYR A 120 10.26 13.59 -3.46
C TYR A 120 10.71 13.30 -4.87
N GLU A 121 11.63 12.34 -5.01
CA GLU A 121 11.95 11.83 -6.33
C GLU A 121 10.71 11.17 -6.91
N GLU A 122 10.65 11.16 -8.24
CA GLU A 122 9.42 10.76 -8.90
C GLU A 122 9.37 9.29 -9.23
N PRO A 123 8.25 8.64 -8.91
CA PRO A 123 7.98 7.33 -9.48
C PRO A 123 7.59 7.46 -10.94
N LEU A 124 7.27 6.34 -11.58
CA LEU A 124 7.18 6.27 -13.04
C LEU A 124 5.96 6.94 -13.63
N GLY A 125 4.86 7.04 -12.91
CA GLY A 125 3.67 7.63 -13.49
C GLY A 125 3.08 6.79 -14.62
N ASP A 126 3.28 5.48 -14.56
CA ASP A 126 2.89 4.54 -15.59
C ASP A 126 1.50 3.92 -15.42
N LEU A 127 0.93 3.96 -14.22
CA LEU A 127 -0.32 3.29 -13.94
C LEU A 127 -1.50 4.16 -14.38
N GLN A 128 -2.49 3.53 -14.99
CA GLN A 128 -3.69 4.19 -15.47
C GLN A 128 -4.80 4.01 -14.45
N THR A 129 -6.05 4.22 -14.83
CA THR A 129 -7.12 4.01 -13.88
C THR A 129 -7.23 2.53 -13.52
N VAL A 130 -7.12 1.68 -14.52
CA VAL A 130 -6.98 0.24 -14.31
C VAL A 130 -5.71 -0.20 -15.05
N THR A 131 -4.78 -0.84 -14.34
CA THR A 131 -3.59 -1.40 -14.97
C THR A 131 -3.42 -2.82 -14.51
N ASN A 132 -3.17 -3.70 -15.46
CA ASN A 132 -2.89 -5.11 -15.16
C ASN A 132 -1.45 -5.43 -15.43
N LEU A 133 -0.76 -5.93 -14.40
CA LEU A 133 0.65 -6.29 -14.44
C LEU A 133 0.79 -7.77 -14.14
N LYS A 134 1.89 -8.34 -14.62
CA LYS A 134 2.21 -9.72 -14.29
C LYS A 134 3.70 -9.82 -14.02
N PHE A 135 4.02 -10.43 -12.89
CA PHE A 135 5.41 -10.63 -12.47
C PHE A 135 5.61 -12.11 -12.24
N GLY A 136 6.37 -12.76 -13.13
CA GLY A 136 6.39 -14.21 -13.10
C GLY A 136 4.96 -14.67 -13.31
N ASN A 137 4.44 -15.50 -12.40
N ASN A 137 4.47 -15.51 -12.41
CA ASN A 137 3.06 -15.94 -12.49
CA ASN A 137 3.09 -15.97 -12.47
C ASN A 137 2.11 -15.08 -11.66
C ASN A 137 2.15 -15.17 -11.57
N MET A 138 2.65 -14.11 -10.93
CA MET A 138 1.84 -13.28 -10.02
C MET A 138 1.12 -12.17 -10.77
N LYS A 139 -0.21 -12.22 -10.77
CA LYS A 139 -1.03 -11.18 -11.40
C LYS A 139 -1.37 -10.09 -10.42
N VAL A 140 -1.25 -8.84 -10.86
CA VAL A 140 -1.54 -7.69 -10.02
C VAL A 140 -2.37 -6.68 -10.81
N GLU A 141 -3.48 -6.24 -10.25
CA GLU A 141 -4.25 -5.19 -10.85
C GLU A 141 -4.18 -3.95 -9.95
N THR A 142 -3.95 -2.78 -10.54
CA THR A 142 -4.06 -1.54 -9.79
C THR A 142 -5.31 -0.80 -10.24
N PHE A 143 -5.98 -0.13 -9.31
CA PHE A 143 -7.25 0.53 -9.60
C PHE A 143 -7.32 1.85 -8.87
N TYR A 144 -7.58 2.92 -9.60
CA TYR A 144 -7.85 4.22 -9.02
C TYR A 144 -9.36 4.39 -8.88
N PRO A 145 -9.90 4.37 -7.65
CA PRO A 145 -11.34 4.39 -7.46
C PRO A 145 -11.92 5.79 -7.32
N GLY A 146 -11.06 6.80 -7.31
CA GLY A 146 -11.46 8.17 -7.02
C GLY A 146 -10.82 8.69 -5.76
N LYS A 147 -11.12 9.95 -5.47
CA LYS A 147 -10.51 10.66 -4.37
C LYS A 147 -11.05 10.15 -3.03
N GLY A 148 -10.23 10.17 -2.00
CA GLY A 148 -10.68 9.72 -0.69
C GLY A 148 -9.76 10.18 0.41
N HIS A 149 -8.95 9.25 0.91
CA HIS A 149 -7.92 9.59 1.87
C HIS A 149 -6.98 10.66 1.31
N THR A 150 -6.62 10.51 0.04
CA THR A 150 -5.95 11.55 -0.72
C THR A 150 -6.61 11.62 -2.10
N GLU A 151 -6.22 12.59 -2.89
N GLU A 151 -6.15 12.59 -2.88
CA GLU A 151 -6.78 12.71 -4.23
CA GLU A 151 -6.62 12.81 -4.24
C GLU A 151 -6.35 11.53 -5.10
C GLU A 151 -6.24 11.68 -5.17
N ASP A 152 -5.16 10.99 -4.85
CA ASP A 152 -4.49 10.07 -5.76
C ASP A 152 -4.54 8.60 -5.35
N ASN A 153 -5.06 8.28 -4.16
CA ASN A 153 -4.99 6.92 -3.65
C ASN A 153 -5.48 5.86 -4.63
N ILE A 154 -4.68 4.79 -4.75
CA ILE A 154 -5.07 3.62 -5.52
C ILE A 154 -5.14 2.40 -4.60
N VAL A 155 -5.86 1.39 -5.07
CA VAL A 155 -5.87 0.07 -4.43
C VAL A 155 -5.19 -0.93 -5.35
N VAL A 156 -4.78 -2.05 -4.77
CA VAL A 156 -4.12 -3.11 -5.52
C VAL A 156 -4.86 -4.42 -5.24
N TRP A 157 -5.12 -5.15 -6.30
CA TRP A 157 -5.91 -6.38 -6.25
C TRP A 157 -5.08 -7.54 -6.77
N LEU A 158 -5.12 -8.66 -6.05
CA LEU A 158 -4.46 -9.88 -6.48
C LEU A 158 -5.55 -10.86 -6.88
N PRO A 159 -5.86 -10.96 -8.18
CA PRO A 159 -7.02 -11.75 -8.58
C PRO A 159 -6.87 -13.25 -8.35
N GLN A 160 -5.64 -13.74 -8.16
CA GLN A 160 -5.45 -15.18 -7.92
C GLN A 160 -5.76 -15.56 -6.47
N TYR A 161 -5.94 -14.56 -5.63
CA TYR A 161 -6.16 -14.76 -4.19
C TYR A 161 -7.37 -13.98 -3.67
N ASN A 162 -7.93 -13.11 -4.52
CA ASN A 162 -8.96 -12.16 -4.10
C ASN A 162 -8.56 -11.41 -2.84
N ILE A 163 -7.31 -10.94 -2.85
CA ILE A 163 -6.78 -10.10 -1.79
C ILE A 163 -6.75 -8.66 -2.29
N LEU A 164 -7.31 -7.76 -1.49
CA LEU A 164 -7.31 -6.34 -1.79
C LEU A 164 -6.34 -5.62 -0.85
N VAL A 165 -5.42 -4.86 -1.42
CA VAL A 165 -4.62 -3.92 -0.63
C VAL A 165 -5.36 -2.60 -0.68
N GLY A 166 -6.05 -2.28 0.40
CA GLY A 166 -6.80 -1.04 0.45
C GLY A 166 -5.94 0.19 0.63
N GLY A 167 -4.77 0.03 1.24
CA GLY A 167 -3.92 1.14 1.55
C GLY A 167 -4.69 2.12 2.44
N CYS A 168 -4.30 3.39 2.42
CA CYS A 168 -4.76 4.28 3.48
C CYS A 168 -6.18 4.80 3.19
N LEU A 169 -6.74 4.46 2.03
CA LEU A 169 -8.17 4.64 1.72
C LEU A 169 -9.05 3.83 2.67
N VAL A 170 -8.53 2.73 3.21
CA VAL A 170 -9.31 1.80 4.00
C VAL A 170 -8.80 1.79 5.43
N LYS A 171 -9.71 2.09 6.35
CA LYS A 171 -9.39 2.13 7.78
C LYS A 171 -9.54 0.77 8.44
N SER A 172 -8.63 0.48 9.37
CA SER A 172 -8.71 -0.75 10.15
C SER A 172 -9.81 -0.65 11.22
N THR A 173 -10.20 -1.80 11.78
CA THR A 173 -11.22 -1.83 12.82
C THR A 173 -10.82 -0.93 14.00
N SER A 174 -9.52 -0.89 14.32
CA SER A 174 -9.02 -0.11 15.46
C SER A 174 -9.04 1.41 15.25
N ALA A 175 -9.14 1.84 14.00
CA ALA A 175 -9.24 3.26 13.70
C ALA A 175 -10.65 3.71 14.02
N LYS A 176 -10.76 4.69 14.90
CA LYS A 176 -12.07 5.18 15.35
C LYS A 176 -12.42 6.54 14.76
N ASP A 177 -11.57 7.05 13.88
CA ASP A 177 -11.82 8.29 13.19
C ASP A 177 -11.03 8.25 11.88
N LEU A 178 -11.17 9.30 11.08
CA LEU A 178 -10.56 9.32 9.76
C LEU A 178 -9.11 9.76 9.76
N GLY A 179 -8.59 10.20 10.90
CA GLY A 179 -7.22 10.68 10.95
C GLY A 179 -7.06 12.04 10.31
N ASN A 180 -5.84 12.33 9.87
CA ASN A 180 -5.58 13.61 9.25
C ASN A 180 -6.29 13.70 7.90
N VAL A 181 -7.14 14.70 7.75
CA VAL A 181 -7.92 14.86 6.53
C VAL A 181 -7.51 16.09 5.75
N ALA A 182 -6.33 16.65 6.06
CA ALA A 182 -5.84 17.83 5.34
C ALA A 182 -5.81 17.57 3.84
N ASP A 183 -5.42 16.35 3.46
CA ASP A 183 -5.30 16.01 2.06
C ASP A 183 -6.47 15.19 1.54
N ALA A 184 -7.51 15.02 2.36
CA ALA A 184 -8.61 14.12 2.04
C ALA A 184 -9.77 14.84 1.37
N TYR A 185 -10.66 14.03 0.83
CA TYR A 185 -11.87 14.45 0.10
C TYR A 185 -13.03 13.71 0.73
N VAL A 186 -13.58 14.35 1.74
N VAL A 186 -13.51 14.13 1.91
CA VAL A 186 -14.47 13.66 2.60
CA VAL A 186 -14.34 13.22 2.72
C VAL A 186 -15.88 13.58 2.04
C VAL A 186 -15.69 12.84 2.11
N ASN A 187 -16.19 14.36 0.99
N ASN A 187 -16.17 13.65 1.19
CA ASN A 187 -17.49 14.20 0.35
CA ASN A 187 -17.37 13.30 0.43
C ASN A 187 -17.44 13.18 -0.79
C ASN A 187 -17.10 12.22 -0.61
N GLU A 188 -16.23 12.76 -1.19
N GLU A 188 -16.12 12.48 -1.47
CA GLU A 188 -16.06 11.83 -2.29
CA GLU A 188 -15.80 11.54 -2.52
C GLU A 188 -15.60 10.41 -1.85
C GLU A 188 -15.38 10.25 -1.94
N TRP A 189 -14.94 10.29 -0.69
CA TRP A 189 -14.33 9.08 -0.15
C TRP A 189 -15.34 7.92 -0.11
N SER A 190 -16.58 8.20 0.23
N SER A 190 -16.58 8.19 0.25
CA SER A 190 -17.59 7.13 0.25
CA SER A 190 -17.57 7.12 0.30
C SER A 190 -17.83 6.56 -1.14
C SER A 190 -17.88 6.57 -1.09
N THR A 191 -17.97 7.44 -2.13
N THR A 191 -17.96 7.42 -2.11
CA THR A 191 -18.18 7.00 -3.51
CA THR A 191 -18.19 6.92 -3.46
C THR A 191 -16.99 6.16 -3.98
C THR A 191 -16.99 6.12 -3.96
N SER A 192 -15.78 6.55 -3.59
CA SER A 192 -14.59 5.82 -3.98
C SER A 192 -14.58 4.41 -3.36
N ILE A 193 -14.95 4.31 -2.08
N ILE A 193 -14.95 4.30 -2.10
CA ILE A 193 -15.10 3.02 -1.42
CA ILE A 193 -15.07 2.98 -1.50
C ILE A 193 -16.18 2.17 -2.10
C ILE A 193 -16.15 2.17 -2.21
N GLU A 194 -17.30 2.78 -2.47
CA GLU A 194 -18.34 2.09 -3.22
C GLU A 194 -17.82 1.59 -4.57
N ASN A 195 -16.97 2.37 -5.24
CA ASN A 195 -16.40 1.93 -6.49
C ASN A 195 -15.53 0.67 -6.31
N VAL A 196 -14.81 0.60 -5.21
CA VAL A 196 -14.03 -0.61 -4.88
C VAL A 196 -14.97 -1.81 -4.65
N LEU A 197 -16.02 -1.60 -3.86
CA LEU A 197 -16.98 -2.65 -3.57
C LEU A 197 -17.68 -3.13 -4.83
N LYS A 198 -17.93 -2.22 -5.77
N LYS A 198 -17.91 -2.22 -5.78
CA LYS A 198 -18.53 -2.60 -7.05
CA LYS A 198 -18.54 -2.55 -7.06
C LYS A 198 -17.58 -3.45 -7.89
C LYS A 198 -17.61 -3.33 -8.01
N ARG A 199 -16.31 -3.06 -7.93
CA ARG A 199 -15.37 -3.73 -8.80
C ARG A 199 -15.02 -5.11 -8.28
N TYR A 200 -14.91 -5.26 -6.97
CA TYR A 200 -14.45 -6.50 -6.34
C TYR A 200 -15.53 -7.01 -5.42
N ARG A 201 -16.44 -7.81 -5.98
CA ARG A 201 -17.64 -8.25 -5.24
C ARG A 201 -17.39 -9.47 -4.35
N ASN A 202 -16.24 -10.13 -4.51
CA ASN A 202 -15.90 -11.33 -3.74
C ASN A 202 -14.46 -11.18 -3.22
N ILE A 203 -14.33 -10.71 -1.98
CA ILE A 203 -13.02 -10.40 -1.38
C ILE A 203 -12.64 -11.26 -0.17
N ASN A 204 -11.50 -11.79 -0.26
N ASN A 204 -11.50 -11.94 -0.30
CA ASN A 204 -11.02 -12.50 0.90
CA ASN A 204 -10.92 -12.73 0.80
C ASN A 204 -10.45 -11.38 1.80
C ASN A 204 -10.24 -12.10 2.01
N ALA A 205 -9.16 -11.31 1.94
N ALA A 205 -9.38 -11.12 1.77
CA ALA A 205 -8.58 -10.36 2.86
CA ALA A 205 -8.71 -10.36 2.81
C ALA A 205 -8.56 -8.95 2.29
C ALA A 205 -8.59 -8.94 2.29
N VAL A 206 -8.62 -7.98 3.19
CA VAL A 206 -8.37 -6.59 2.90
C VAL A 206 -7.24 -6.11 3.81
N VAL A 207 -6.19 -5.58 3.19
CA VAL A 207 -5.06 -5.05 3.94
C VAL A 207 -5.21 -3.51 4.03
N PRO A 208 -5.41 -2.94 5.24
CA PRO A 208 -5.47 -1.47 5.36
C PRO A 208 -4.05 -0.90 5.40
N GLY A 209 -3.90 0.40 5.17
CA GLY A 209 -2.61 1.04 5.25
C GLY A 209 -2.01 1.06 6.66
N HIS A 210 -2.88 1.03 7.67
CA HIS A 210 -2.46 1.10 9.08
C HIS A 210 -3.40 0.19 9.84
N GLY A 211 -2.86 -0.73 10.63
CA GLY A 211 -3.68 -1.59 11.47
C GLY A 211 -3.76 -3.02 10.98
N GLU A 212 -4.63 -3.80 11.61
N GLU A 212 -4.69 -3.76 11.54
CA GLU A 212 -4.73 -5.22 11.31
CA GLU A 212 -4.77 -5.20 11.33
C GLU A 212 -5.45 -5.55 10.01
C GLU A 212 -5.47 -5.54 10.00
N VAL A 213 -5.01 -6.62 9.35
CA VAL A 213 -5.69 -7.17 8.19
C VAL A 213 -7.11 -7.58 8.57
N GLY A 214 -8.02 -7.42 7.62
CA GLY A 214 -9.44 -7.65 7.87
C GLY A 214 -10.05 -8.18 6.60
N ASP A 215 -11.36 -8.00 6.44
CA ASP A 215 -12.05 -8.39 5.23
C ASP A 215 -12.88 -7.23 4.67
N LYS A 216 -13.91 -7.53 3.90
CA LYS A 216 -14.78 -6.52 3.30
C LYS A 216 -15.34 -5.61 4.38
N GLY A 217 -15.47 -6.13 5.60
CA GLY A 217 -15.94 -5.32 6.71
C GLY A 217 -15.16 -4.04 6.91
N LEU A 218 -13.89 -4.00 6.54
CA LEU A 218 -13.11 -2.78 6.69
C LEU A 218 -13.61 -1.69 5.77
N LEU A 219 -14.08 -2.08 4.59
N LEU A 219 -14.10 -2.06 4.59
CA LEU A 219 -14.68 -1.13 3.65
CA LEU A 219 -14.65 -1.06 3.69
C LEU A 219 -15.95 -0.54 4.27
C LEU A 219 -15.98 -0.52 4.24
N LEU A 220 -16.78 -1.39 4.84
CA LEU A 220 -18.02 -0.94 5.49
C LEU A 220 -17.71 -0.08 6.71
N HIS A 221 -16.65 -0.41 7.44
CA HIS A 221 -16.22 0.39 8.58
C HIS A 221 -15.82 1.80 8.13
N THR A 222 -15.09 1.87 7.03
CA THR A 222 -14.67 3.15 6.49
C THR A 222 -15.89 3.99 6.09
N LEU A 223 -16.86 3.36 5.43
CA LEU A 223 -18.10 4.05 5.12
C LEU A 223 -18.75 4.61 6.38
N ASP A 224 -18.77 3.84 7.45
CA ASP A 224 -19.39 4.33 8.67
C ASP A 224 -18.64 5.51 9.26
N LEU A 225 -17.30 5.48 9.21
CA LEU A 225 -16.49 6.59 9.72
C LEU A 225 -16.71 7.88 8.95
N LEU A 226 -17.18 7.77 7.71
CA LEU A 226 -17.41 8.92 6.84
C LEU A 226 -18.79 9.58 7.06
N LYS A 227 -19.62 8.99 7.92
N LYS A 227 -19.62 8.99 7.92
CA LYS A 227 -20.90 9.59 8.27
CA LYS A 227 -20.94 9.55 8.21
C LYS A 227 -20.75 10.71 9.30
C LYS A 227 -20.91 10.74 9.19
C1 GOL B . -0.93 15.72 -1.40
O1 GOL B . 0.08 16.66 -1.67
C2 GOL B . -0.35 14.34 -1.65
O2 GOL B . 0.78 14.23 -0.83
C3 GOL B . -1.36 13.23 -1.36
O3 GOL B . -0.79 11.99 -1.74
C1 GOL C . 22.10 2.21 -2.01
O1 GOL C . 20.78 2.11 -1.51
C2 GOL C . 23.11 1.46 -1.17
O2 GOL C . 22.67 1.20 0.16
C3 GOL C . 24.46 2.16 -1.13
O3 GOL C . 24.70 2.92 -2.30
S SO4 D . -4.37 -17.90 -13.07
O1 SO4 D . -3.53 -17.86 -14.26
O2 SO4 D . -5.34 -18.99 -13.24
O3 SO4 D . -5.07 -16.63 -12.92
O4 SO4 D . -3.55 -18.19 -11.91
O1 X8Z E . -1.91 10.39 7.95
C4 X8Z E . -1.34 9.37 8.31
C2 X8Z E . -0.05 8.95 7.65
C1 X8Z E . -0.15 9.09 6.15
S X8Z E . -1.42 8.04 5.45
C3 X8Z E . 1.05 9.86 8.18
N X8Z E . -1.89 8.58 9.36
C8 X8Z E . -3.06 9.04 9.94
C9 X8Z E . -2.86 10.28 10.77
O3 X8Z E . -3.88 10.94 11.15
O2 X8Z E . -1.71 10.65 11.11
C5 X8Z E . -1.32 7.45 9.84
C6 X8Z E . -2.27 6.89 10.87
C7 X8Z E . -3.52 7.84 10.81
ZN ZN F . -0.82 5.81 5.36
ZN ZN G . -1.71 8.89 3.35
#